data_5U5C
#
_entry.id   5U5C
#
_cell.length_a   114.297
_cell.length_b   38.642
_cell.length_c   44.198
_cell.angle_alpha   90.00
_cell.angle_beta   90.00
_cell.angle_gamma   90.00
#
_symmetry.space_group_name_H-M   'P 21 21 2'
#
loop_
_entity.id
_entity.type
_entity.pdbx_description
1 polymer 'Designed tetrameric coiled coil peptide with one terpyridine side chain'
2 non-polymer 'COPPER (II) ION'
3 non-polymer HEXANE-1,6-DIOL
4 water water
#
_entity_poly.entity_id   1
_entity_poly.type   'polypeptide(L)'
_entity_poly.pdbx_seq_one_letter_code
;(ACE)ELAAIKEELAAIK(7WJ)ELAAIKQELAAIKQ(NH2)
;
_entity_poly.pdbx_strand_id   A,B,C,D,E,F
#
loop_
_chem_comp.id
_chem_comp.type
_chem_comp.name
_chem_comp.formula
7WJ non-polymer '(2S)-2-amino-4-[([1~2~,2~2~:2~6~,3~2~-terpyridine]-2~4~-carbonyl)amino]butanoic acid' 'C20 H19 N5 O3'
ACE non-polymer 'ACETYL GROUP' 'C2 H4 O'
CU non-polymer 'COPPER (II) ION' 'Cu 2'
HEZ non-polymer HEXANE-1,6-DIOL 'C6 H14 O2'
NH2 non-polymer 'AMINO GROUP' 'H2 N'
#
# COMPACT_ATOMS: atom_id res chain seq x y z
C ACE A 1 0.21 -11.07 13.33
O ACE A 1 1.07 -10.63 12.57
CH3 ACE A 1 0.27 -10.76 14.82
N GLU A 2 -0.83 -11.80 12.93
CA GLU A 2 -0.99 -12.18 11.53
C GLU A 2 -1.52 -11.03 10.68
N LEU A 3 -2.53 -10.33 11.20
CA LEU A 3 -3.07 -9.19 10.47
C LEU A 3 -2.04 -8.08 10.34
N ALA A 4 -1.22 -7.87 11.38
CA ALA A 4 -0.15 -6.89 11.28
C ALA A 4 0.89 -7.28 10.25
N ALA A 5 1.18 -8.59 10.15
CA ALA A 5 2.13 -9.05 9.14
C ALA A 5 1.55 -8.91 7.74
N ILE A 6 0.26 -9.16 7.58
CA ILE A 6 -0.39 -8.97 6.29
C ILE A 6 -0.34 -7.49 5.90
N LYS A 7 -0.48 -6.60 6.90
CA LYS A 7 -0.43 -5.17 6.63
C LYS A 7 0.93 -4.76 6.08
N GLU A 8 2.01 -5.26 6.66
CA GLU A 8 3.35 -4.91 6.17
CA GLU A 8 3.26 -4.94 6.13
C GLU A 8 3.54 -5.39 4.74
N GLU A 9 3.03 -6.58 4.42
CA GLU A 9 3.19 -7.11 3.07
C GLU A 9 2.36 -6.32 2.06
N LEU A 10 1.15 -5.90 2.46
CA LEU A 10 0.35 -5.05 1.58
C LEU A 10 1.00 -3.69 1.37
N ALA A 11 1.62 -3.14 2.42
CA ALA A 11 2.33 -1.87 2.28
C ALA A 11 3.50 -2.00 1.32
N ALA A 12 4.19 -3.14 1.34
CA ALA A 12 5.29 -3.35 0.39
C ALA A 12 4.75 -3.52 -1.03
N ILE A 13 3.61 -4.20 -1.18
CA ILE A 13 2.99 -4.35 -2.49
C ILE A 13 2.57 -2.98 -3.02
N LYS A 14 2.08 -2.11 -2.13
CA LYS A 14 1.68 -0.76 -2.50
C LYS A 14 2.88 0.03 -3.04
C 7WJ A 15 5.78 0.03 -4.04
CA 7WJ A 15 5.25 0.62 -2.77
CB 7WJ A 15 6.30 0.54 -1.67
CE 7WJ A 15 5.30 3.76 -1.38
O 7WJ A 15 6.45 0.70 -4.82
N 7WJ A 15 4.00 -0.07 -2.35
OE 7WJ A 15 4.13 3.46 -1.28
CG 7WJ A 15 6.01 1.57 -0.59
ND 7WJ A 15 6.28 2.91 -1.08
CQ 7WJ A 15 5.68 5.12 -1.88
CR1 7WJ A 15 6.99 5.37 -2.29
CR2 7WJ A 15 4.73 6.14 -1.94
CS1 7WJ A 15 7.32 6.63 -2.75
CS2 7WJ A 15 5.12 7.39 -2.42
CT1 7WJ A 15 8.66 7.05 -3.22
CT3 7WJ A 15 4.22 8.56 -2.53
CU2 7WJ A 15 9.74 6.17 -3.25
CU4 7WJ A 15 2.89 8.51 -2.17
CV1 7WJ A 15 9.97 8.79 -4.08
CV2 7WJ A 15 10.97 6.63 -3.70
CV3 7WJ A 15 4.04 10.81 -3.15
CV4 7WJ A 15 2.11 9.65 -2.31
CW1 7WJ A 15 11.08 7.96 -4.11
CW2 7WJ A 15 2.69 10.81 -2.81
NT2 7WJ A 15 6.38 7.59 -2.80
NU1 7WJ A 15 8.80 8.33 -3.63
NU3 7WJ A 15 4.78 9.70 -3.01
N GLU A 16 5.49 -1.25 -4.25
CA GLU A 16 5.90 -1.93 -5.47
C GLU A 16 5.13 -1.37 -6.65
N LEU A 17 3.83 -1.19 -6.48
CA LEU A 17 3.00 -0.63 -7.53
C LEU A 17 3.33 0.83 -7.80
N ALA A 18 3.70 1.59 -6.76
CA ALA A 18 4.09 2.99 -6.95
C ALA A 18 5.33 3.10 -7.83
N ALA A 19 6.31 2.22 -7.60
CA ALA A 19 7.50 2.22 -8.44
C ALA A 19 7.19 1.78 -9.87
N ILE A 20 6.28 0.80 -10.01
CA ILE A 20 5.87 0.36 -11.34
C ILE A 20 5.17 1.49 -12.10
N LYS A 21 4.32 2.24 -11.40
CA LYS A 21 3.62 3.35 -12.04
C LYS A 21 4.59 4.42 -12.51
N GLN A 22 5.55 4.78 -11.67
CA GLN A 22 6.50 5.84 -12.04
C GLN A 22 7.39 5.41 -13.20
N GLU A 23 7.69 4.12 -13.29
CA GLU A 23 8.52 3.65 -14.41
C GLU A 23 7.77 3.72 -15.72
N LEU A 24 6.50 3.33 -15.73
CA LEU A 24 5.69 3.45 -16.94
C LEU A 24 5.57 4.90 -17.38
N ALA A 25 5.47 5.82 -16.42
CA ALA A 25 5.44 7.25 -16.76
C ALA A 25 6.75 7.69 -17.38
N ALA A 26 7.87 7.20 -16.85
CA ALA A 26 9.18 7.57 -17.39
C ALA A 26 9.39 6.98 -18.78
N ILE A 27 8.94 5.74 -19.00
CA ILE A 27 9.08 5.13 -20.31
C ILE A 27 8.24 5.86 -21.35
N LYS A 28 7.00 6.19 -21.00
CA LYS A 28 6.12 6.85 -21.95
C LYS A 28 6.62 8.25 -22.30
N GLN A 29 7.06 9.01 -21.30
CA GLN A 29 7.57 10.36 -21.53
CA GLN A 29 7.57 10.36 -21.54
C GLN A 29 8.89 10.31 -22.31
N NH2 A 30 9.68 9.28 -22.04
C ACE B 1 -8.81 -20.32 5.60
O ACE B 1 -8.13 -20.29 4.57
CH3 ACE B 1 -8.91 -21.61 6.42
N GLU B 2 -9.48 -19.27 6.07
CA GLU B 2 -9.46 -17.99 5.38
C GLU B 2 -8.06 -17.37 5.43
N LEU B 3 -7.38 -17.54 6.55
CA LEU B 3 -6.05 -16.96 6.70
C LEU B 3 -5.05 -17.60 5.74
N ALA B 4 -5.11 -18.93 5.59
CA ALA B 4 -4.21 -19.60 4.66
C ALA B 4 -4.50 -19.22 3.22
N ALA B 5 -5.79 -19.06 2.88
CA ALA B 5 -6.14 -18.64 1.53
C ALA B 5 -5.73 -17.21 1.25
N ILE B 6 -5.72 -16.36 2.27
CA ILE B 6 -5.26 -14.98 2.11
C ILE B 6 -3.77 -14.97 1.78
N LYS B 7 -2.98 -15.76 2.50
CA LYS B 7 -1.55 -15.86 2.21
C LYS B 7 -1.29 -16.46 0.84
N GLU B 8 -2.17 -17.36 0.39
CA GLU B 8 -2.05 -17.90 -0.96
C GLU B 8 -2.28 -16.80 -2.00
N GLU B 9 -3.27 -15.93 -1.76
CA GLU B 9 -3.52 -14.83 -2.69
C GLU B 9 -2.37 -13.83 -2.67
N LEU B 10 -1.75 -13.63 -1.51
CA LEU B 10 -0.61 -12.73 -1.42
C LEU B 10 0.57 -13.26 -2.22
N ALA B 11 0.91 -14.55 -2.04
CA ALA B 11 2.03 -15.14 -2.76
C ALA B 11 1.82 -15.07 -4.26
N ALA B 12 0.58 -15.21 -4.72
CA ALA B 12 0.30 -15.08 -6.14
C ALA B 12 0.44 -13.64 -6.62
N ILE B 13 0.22 -12.68 -5.71
CA ILE B 13 0.43 -11.27 -6.07
C ILE B 13 1.91 -10.98 -6.26
N LYS B 14 2.76 -11.56 -5.41
CA LYS B 14 4.21 -11.41 -5.54
C LYS B 14 4.70 -11.95 -6.88
C 7WJ B 15 4.12 -12.76 -9.79
CA 7WJ B 15 4.44 -13.67 -8.64
CB 7WJ B 15 3.70 -14.98 -8.81
CE 7WJ B 15 4.13 -18.06 -9.63
O 7WJ B 15 4.91 -12.61 -10.72
N 7WJ B 15 4.09 -13.05 -7.33
OE 7WJ B 15 4.85 -17.59 -10.50
CG 7WJ B 15 4.50 -16.13 -8.22
ND 7WJ B 15 3.90 -17.42 -8.49
CQ 7WJ B 15 3.48 -19.39 -9.86
CR1 7WJ B 15 3.74 -20.10 -11.04
CR2 7WJ B 15 2.63 -19.93 -8.89
CS1 7WJ B 15 3.13 -21.34 -11.21
CS2 7WJ B 15 2.06 -21.18 -9.13
CT1 7WJ B 15 3.30 -22.20 -12.41
CT3 7WJ B 15 1.14 -21.87 -8.21
CU2 7WJ B 15 4.11 -21.83 -13.48
CU4 7WJ B 15 0.77 -21.33 -6.98
CV1 7WJ B 15 2.72 -24.22 -13.45
CV2 7WJ B 15 4.21 -22.70 -14.56
CV3 7WJ B 15 -0.16 -23.79 -7.82
CV4 7WJ B 15 -0.09 -22.05 -6.16
CW1 7WJ B 15 3.51 -23.91 -14.54
CW2 7WJ B 15 -0.56 -23.28 -6.59
NT2 7WJ B 15 2.32 -21.83 -10.27
NU1 7WJ B 15 2.62 -23.38 -12.41
NU3 7WJ B 15 0.67 -23.09 -8.60
N GLU B 16 2.94 -12.16 -9.74
CA GLU B 16 2.51 -11.24 -10.79
C GLU B 16 3.37 -9.97 -10.76
N LEU B 17 3.69 -9.49 -9.56
CA LEU B 17 4.55 -8.32 -9.43
C LEU B 17 5.93 -8.58 -10.00
N ALA B 18 6.50 -9.75 -9.72
CA ALA B 18 7.81 -10.10 -10.26
C ALA B 18 7.76 -10.23 -11.77
N ALA B 19 6.66 -10.77 -12.30
CA ALA B 19 6.52 -10.88 -13.75
C ALA B 19 6.30 -9.52 -14.39
N ILE B 20 5.63 -8.60 -13.70
CA ILE B 20 5.39 -7.27 -14.24
C ILE B 20 6.70 -6.49 -14.35
N LYS B 21 7.54 -6.58 -13.31
CA LYS B 21 8.83 -5.90 -13.37
C LYS B 21 9.74 -6.50 -14.43
N GLN B 22 9.61 -7.81 -14.70
CA GLN B 22 10.38 -8.41 -15.78
C GLN B 22 9.92 -7.88 -17.13
N GLU B 23 8.62 -7.63 -17.29
CA GLU B 23 8.14 -6.99 -18.50
C GLU B 23 8.61 -5.55 -18.60
N LEU B 24 8.64 -4.84 -17.46
CA LEU B 24 9.06 -3.44 -17.47
C LEU B 24 10.53 -3.30 -17.85
N ALA B 25 11.38 -4.20 -17.33
CA ALA B 25 12.80 -4.12 -17.64
C ALA B 25 13.05 -4.35 -19.12
N ALA B 26 12.30 -5.25 -19.74
CA ALA B 26 12.47 -5.49 -21.18
C ALA B 26 11.98 -4.31 -22.00
N ILE B 27 10.89 -3.66 -21.56
CA ILE B 27 10.39 -2.50 -22.28
C ILE B 27 11.34 -1.32 -22.11
N LYS B 28 11.89 -1.13 -20.90
CA LYS B 28 12.82 -0.04 -20.67
C LYS B 28 14.08 -0.18 -21.50
N GLN B 29 14.48 -1.41 -21.80
CA GLN B 29 15.71 -1.66 -22.55
C GLN B 29 15.43 -1.81 -24.04
N NH2 B 30 14.18 -2.08 -24.39
C ACE C 1 -15.82 -11.37 6.52
O ACE C 1 -15.70 -11.16 5.31
CH3 ACE C 1 -16.83 -12.37 7.04
N GLU C 2 -15.07 -10.77 7.43
CA GLU C 2 -14.07 -9.76 7.07
C GLU C 2 -12.89 -10.39 6.34
N LEU C 3 -12.39 -11.50 6.86
CA LEU C 3 -11.28 -12.19 6.21
C LEU C 3 -11.69 -12.73 4.85
N ALA C 4 -12.91 -13.23 4.72
CA ALA C 4 -13.38 -13.73 3.43
C ALA C 4 -13.49 -12.60 2.42
N ALA C 5 -13.89 -11.40 2.86
CA ALA C 5 -13.96 -10.27 1.95
C ALA C 5 -12.56 -9.81 1.54
N ILE C 6 -11.60 -9.86 2.46
CA ILE C 6 -10.23 -9.50 2.14
C ILE C 6 -9.65 -10.46 1.11
N LYS C 7 -10.00 -11.75 1.21
CA LYS C 7 -9.54 -12.71 0.21
C LYS C 7 -10.09 -12.37 -1.16
N GLU C 8 -11.35 -11.93 -1.23
CA GLU C 8 -11.92 -11.49 -2.50
C GLU C 8 -11.18 -10.28 -3.05
N GLU C 9 -10.85 -9.33 -2.18
CA GLU C 9 -10.11 -8.13 -2.60
CA GLU C 9 -10.12 -8.14 -2.63
C GLU C 9 -8.74 -8.52 -3.13
N LEU C 10 -8.05 -9.43 -2.45
CA LEU C 10 -6.73 -9.86 -2.91
C LEU C 10 -6.82 -10.66 -4.20
N ALA C 11 -7.84 -11.51 -4.32
CA ALA C 11 -8.03 -12.26 -5.55
C ALA C 11 -8.34 -11.33 -6.72
N ALA C 12 -9.10 -10.27 -6.46
CA ALA C 12 -9.37 -9.29 -7.52
C ALA C 12 -8.12 -8.51 -7.89
N ILE C 13 -7.32 -8.14 -6.89
CA ILE C 13 -6.05 -7.45 -7.16
C ILE C 13 -5.12 -8.34 -7.97
N LYS C 14 -5.11 -9.63 -7.68
CA LYS C 14 -4.32 -10.60 -8.43
C LYS C 14 -4.73 -10.59 -9.90
C 7WJ C 15 -6.29 -9.23 -12.22
CA 7WJ C 15 -6.57 -10.52 -11.53
CB 7WJ C 15 -8.07 -10.81 -11.52
CE 7WJ C 15 -6.86 -13.85 -12.60
O 7WJ C 15 -6.15 -9.20 -13.46
N 7WJ C 15 -6.03 -10.54 -10.14
OE 7WJ C 15 -6.20 -14.05 -11.60
CG 7WJ C 15 -8.31 -12.31 -11.41
ND 7WJ C 15 -7.90 -13.01 -12.60
CQ 7WJ C 15 -6.50 -14.53 -13.88
CR1 7WJ C 15 -7.16 -14.21 -15.07
CR2 7WJ C 15 -5.49 -15.50 -13.90
CS1 7WJ C 15 -6.80 -14.86 -16.24
CS2 7WJ C 15 -5.18 -16.12 -15.10
CT1 7WJ C 15 -7.41 -14.61 -17.57
CT3 7WJ C 15 -4.14 -17.16 -15.28
CU2 7WJ C 15 -8.43 -13.68 -17.75
CU4 7WJ C 15 -3.38 -17.63 -14.22
CV1 7WJ C 15 -7.44 -15.20 -19.83
CV2 7WJ C 15 -8.96 -13.52 -19.02
CV3 7WJ C 15 -3.06 -18.60 -16.79
CV4 7WJ C 15 -2.42 -18.60 -14.47
CW1 7WJ C 15 -8.45 -14.28 -20.07
CW2 7WJ C 15 -2.27 -19.10 -15.76
NT2 7WJ C 15 -5.84 -15.78 -16.21
NU1 7WJ C 15 -6.94 -15.35 -18.60
NU3 7WJ C 15 -3.98 -17.65 -16.53
N GLU C 16 -6.19 -8.14 -11.46
CA GLU C 16 -5.81 -6.85 -12.03
C GLU C 16 -4.37 -6.88 -12.48
N LEU C 17 -3.50 -7.45 -11.63
CA LEU C 17 -2.08 -7.56 -11.96
C LEU C 17 -1.87 -8.52 -13.13
N ALA C 18 -2.67 -9.59 -13.20
CA ALA C 18 -2.56 -10.50 -14.33
C ALA C 18 -2.92 -9.82 -15.64
N ALA C 19 -3.94 -8.97 -15.63
CA ALA C 19 -4.29 -8.23 -16.84
C ALA C 19 -3.23 -7.19 -17.18
N ILE C 20 -2.65 -6.55 -16.15
CA ILE C 20 -1.59 -5.59 -16.39
C ILE C 20 -0.38 -6.27 -17.01
N LYS C 21 -0.04 -7.47 -16.52
CA LYS C 21 1.08 -8.21 -17.08
C LYS C 21 0.85 -8.53 -18.56
N GLN C 22 -0.37 -8.95 -18.91
CA GLN C 22 -0.66 -9.27 -20.31
C GLN C 22 -0.63 -8.03 -21.17
N GLU C 23 -1.09 -6.89 -20.65
CA GLU C 23 -1.05 -5.65 -21.42
CA GLU C 23 -1.05 -5.65 -21.42
C GLU C 23 0.40 -5.19 -21.62
N LEU C 24 1.24 -5.35 -20.60
CA LEU C 24 2.65 -4.99 -20.75
C LEU C 24 3.34 -5.90 -21.77
N ALA C 25 2.96 -7.18 -21.81
CA ALA C 25 3.51 -8.08 -22.81
C ALA C 25 3.10 -7.64 -24.22
N ALA C 26 1.86 -7.17 -24.38
CA ALA C 26 1.41 -6.69 -25.67
C ALA C 26 2.12 -5.40 -26.06
N ILE C 27 2.39 -4.53 -25.08
CA ILE C 27 3.13 -3.30 -25.35
C ILE C 27 4.56 -3.64 -25.76
N LYS C 28 5.18 -4.61 -25.08
CA LYS C 28 6.56 -4.98 -25.39
C LYS C 28 6.69 -5.53 -26.81
N GLN C 29 5.67 -6.23 -27.30
CA GLN C 29 5.71 -6.79 -28.65
C GLN C 29 5.36 -5.73 -29.69
N NH2 C 30 4.75 -4.64 -29.24
C ACE D 1 -6.57 -2.36 13.57
O ACE D 1 -6.32 -1.62 12.61
CH3 ACE D 1 -7.41 -1.85 14.73
N GLU D 2 -6.13 -3.60 13.66
CA GLU D 2 -5.32 -4.22 12.60
C GLU D 2 -6.13 -4.34 11.31
N LEU D 3 -7.42 -4.67 11.46
CA LEU D 3 -8.27 -4.88 10.30
C LEU D 3 -8.48 -3.57 9.54
N ALA D 4 -8.67 -2.46 10.25
CA ALA D 4 -8.86 -1.17 9.59
C ALA D 4 -7.59 -0.75 8.86
N ALA D 5 -6.42 -1.06 9.43
CA ALA D 5 -5.17 -0.72 8.76
C ALA D 5 -4.96 -1.55 7.50
N ILE D 6 -5.48 -2.78 7.48
CA ILE D 6 -5.39 -3.60 6.28
C ILE D 6 -6.27 -3.03 5.18
N LYS D 7 -7.50 -2.63 5.52
CA LYS D 7 -8.39 -2.04 4.53
C LYS D 7 -7.83 -0.73 3.99
N GLU D 8 -7.05 0.00 4.79
CA GLU D 8 -6.43 1.23 4.31
C GLU D 8 -5.37 0.94 3.26
N GLU D 9 -4.55 -0.08 3.50
CA GLU D 9 -3.55 -0.49 2.52
C GLU D 9 -4.17 -1.00 1.22
N LEU D 10 -5.27 -1.75 1.34
CA LEU D 10 -5.99 -2.24 0.17
C LEU D 10 -6.55 -1.11 -0.67
N ALA D 11 -7.06 -0.07 0.00
CA ALA D 11 -7.61 1.07 -0.69
C ALA D 11 -6.52 1.76 -1.51
N ALA D 12 -5.33 1.87 -0.94
CA ALA D 12 -4.24 2.54 -1.63
C ALA D 12 -3.69 1.69 -2.77
N ILE D 13 -3.77 0.37 -2.64
CA ILE D 13 -3.35 -0.51 -3.74
C ILE D 13 -4.27 -0.34 -4.93
N LYS D 14 -5.58 -0.22 -4.70
CA LYS D 14 -6.54 0.03 -5.76
C LYS D 14 -6.25 1.33 -6.49
C 7WJ D 15 -4.31 3.54 -7.25
CA 7WJ D 15 -5.48 3.67 -6.31
CB 7WJ D 15 -5.13 4.65 -5.21
CE 7WJ D 15 -5.66 7.54 -4.12
O 7WJ D 15 -4.31 4.12 -8.33
N 7WJ D 15 -5.85 2.35 -5.73
OE 7WJ D 15 -5.49 7.81 -5.30
CG 7WJ D 15 -6.39 5.29 -4.65
ND 7WJ D 15 -6.09 6.36 -3.71
CQ 7WJ D 15 -5.39 8.60 -3.09
CR1 7WJ D 15 -5.55 8.31 -1.74
CR2 7WJ D 15 -4.97 9.87 -3.50
CS1 7WJ D 15 -5.30 9.32 -0.81
CS2 7WJ D 15 -4.73 10.83 -2.52
CT1 7WJ D 15 -5.42 9.17 0.66
CT3 7WJ D 15 -4.28 12.22 -2.79
CU2 7WJ D 15 -5.83 7.98 1.24
CU4 7WJ D 15 -4.06 12.68 -4.08
CV1 7WJ D 15 -5.21 10.22 2.74
CV2 7WJ D 15 -5.92 7.92 2.63
CV3 7WJ D 15 -3.70 14.28 -1.86
CV4 7WJ D 15 -3.66 14.00 -4.25
CW1 7WJ D 15 -5.61 9.05 3.39
CW2 7WJ D 15 -3.47 14.80 -3.13
NT2 7WJ D 15 -4.89 10.52 -1.23
NU1 7WJ D 15 -5.12 10.26 1.41
NU3 7WJ D 15 -4.10 13.02 -1.72
N GLU D 16 -3.30 2.79 -6.82
CA GLU D 16 -2.13 2.55 -7.65
C GLU D 16 -2.53 1.73 -8.88
N LEU D 17 -3.38 0.73 -8.68
CA LEU D 17 -3.84 -0.09 -9.79
C LEU D 17 -4.65 0.75 -10.78
N ALA D 18 -5.50 1.64 -10.28
CA ALA D 18 -6.27 2.51 -11.16
C ALA D 18 -5.36 3.48 -11.90
N ALA D 19 -4.30 3.95 -11.24
CA ALA D 19 -3.37 4.86 -11.89
C ALA D 19 -2.51 4.13 -12.92
N ILE D 20 -2.13 2.90 -12.64
CA ILE D 20 -1.38 2.11 -13.61
C ILE D 20 -2.26 1.81 -14.83
N LYS D 21 -3.54 1.54 -14.61
CA LYS D 21 -4.45 1.28 -15.72
C LYS D 21 -4.56 2.50 -16.63
N GLN D 22 -4.56 3.71 -16.06
CA GLN D 22 -4.62 4.91 -16.89
C GLN D 22 -3.38 5.05 -17.76
N GLU D 23 -2.21 4.70 -17.21
CA GLU D 23 -0.99 4.76 -18.01
CA GLU D 23 -0.99 4.76 -18.01
C GLU D 23 -1.03 3.75 -19.15
N LEU D 24 -1.53 2.55 -18.90
CA LEU D 24 -1.64 1.55 -19.95
C LEU D 24 -2.72 1.93 -20.96
N ALA D 25 -3.86 2.43 -20.48
CA ALA D 25 -4.91 2.89 -21.37
C ALA D 25 -4.52 4.12 -22.17
N ALA D 26 -3.49 4.87 -21.74
CA ALA D 26 -3.03 6.03 -22.48
C ALA D 26 -1.82 5.74 -23.37
N ILE D 27 -1.12 4.63 -23.14
CA ILE D 27 -0.09 4.20 -24.07
C ILE D 27 -0.71 3.50 -25.26
N LYS D 28 -1.79 2.76 -25.01
CA LYS D 28 -2.41 1.97 -26.06
C LYS D 28 -3.03 2.87 -27.12
N GLN D 29 -4.19 3.43 -26.79
CA GLN D 29 -4.94 4.32 -27.69
CA GLN D 29 -5.03 4.29 -27.73
C GLN D 29 -4.47 4.24 -29.14
N NH2 D 30 -4.39 5.40 -29.80
C ACE E 1 3.78 14.59 -3.27
O ACE E 1 3.03 14.01 -2.48
CH3 ACE E 1 3.25 15.12 -4.61
N GLU E 2 5.07 14.79 -3.03
CA GLU E 2 5.71 14.30 -1.81
C GLU E 2 5.34 15.17 -0.61
N LEU E 3 5.40 16.49 -0.80
CA LEU E 3 5.06 17.41 0.29
C LEU E 3 3.60 17.27 0.68
N ALA E 4 2.71 17.06 -0.30
CA ALA E 4 1.30 16.87 0.00
C ALA E 4 1.07 15.59 0.79
N ALA E 5 1.83 14.53 0.49
CA ALA E 5 1.70 13.29 1.24
C ALA E 5 2.25 13.44 2.66
N ILE E 6 3.34 14.21 2.80
CA ILE E 6 3.89 14.46 4.13
C ILE E 6 2.91 15.23 4.98
N LYS E 7 2.22 16.21 4.39
CA LYS E 7 1.22 17.00 5.12
C LYS E 7 0.09 16.10 5.62
N GLU E 8 -0.31 15.12 4.81
CA GLU E 8 -1.37 14.21 5.22
C GLU E 8 -0.94 13.36 6.41
N GLU E 9 0.30 12.84 6.39
CA GLU E 9 0.80 12.08 7.52
C GLU E 9 0.85 12.92 8.78
N LEU E 10 1.34 14.16 8.67
CA LEU E 10 1.46 15.02 9.83
C LEU E 10 0.10 15.41 10.39
N ALA E 11 -0.88 15.65 9.51
CA ALA E 11 -2.23 15.97 9.97
C ALA E 11 -2.84 14.79 10.72
N ALA E 12 -2.55 13.56 10.26
CA ALA E 12 -3.03 12.39 10.98
C ALA E 12 -2.29 12.21 12.29
N ILE E 13 -0.99 12.49 12.30
CA ILE E 13 -0.22 12.40 13.54
C ILE E 13 -0.73 13.41 14.56
N LYS E 14 -1.08 14.61 14.11
CA LYS E 14 -1.63 15.64 14.98
C LYS E 14 -2.94 15.19 15.61
C 7WJ E 15 -4.91 12.89 16.33
CA 7WJ E 15 -5.07 14.00 15.33
CB 7WJ E 15 -5.94 13.54 14.15
CE 7WJ E 15 -7.52 16.46 14.92
O 7WJ E 15 -5.72 12.77 17.26
N 7WJ E 15 -3.77 14.51 14.83
OE 7WJ E 15 -6.49 17.11 14.86
CG 7WJ E 15 -6.59 14.74 13.48
ND 7WJ E 15 -7.64 15.29 14.29
CQ 7WJ E 15 -8.66 16.95 15.74
CR1 7WJ E 15 -9.77 16.14 15.95
CR2 7WJ E 15 -8.62 18.23 16.30
CS1 7WJ E 15 -10.82 16.63 16.72
CS2 7WJ E 15 -9.70 18.65 17.06
CT1 7WJ E 15 -12.07 15.87 17.04
CT3 7WJ E 15 -9.80 19.99 17.72
CU2 7WJ E 15 -12.29 14.60 16.56
CU4 7WJ E 15 -8.79 20.94 17.63
CV1 7WJ E 15 -14.13 15.92 18.14
CV2 7WJ E 15 -13.49 13.96 16.90
CV3 7WJ E 15 -11.11 21.41 19.05
CV4 7WJ E 15 -8.96 22.15 18.27
CW1 7WJ E 15 -14.40 14.63 17.69
CW2 7WJ E 15 -10.13 22.39 18.97
NT2 7WJ E 15 -10.75 17.85 17.25
NU1 7WJ E 15 -12.98 16.52 17.80
NU3 7WJ E 15 -10.94 20.23 18.42
N GLU E 16 -3.87 12.08 16.16
CA GLU E 16 -3.58 11.02 17.11
C GLU E 16 -3.09 11.60 18.43
N LEU E 17 -2.22 12.60 18.35
CA LEU E 17 -1.71 13.24 19.56
C LEU E 17 -2.80 13.99 20.30
N ALA E 18 -3.75 14.57 19.57
CA ALA E 18 -4.87 15.24 20.21
C ALA E 18 -5.72 14.26 21.00
N ALA E 19 -5.95 13.07 20.43
CA ALA E 19 -6.71 12.04 21.15
C ALA E 19 -5.90 11.49 22.32
N ILE E 20 -4.58 11.34 22.13
CA ILE E 20 -3.73 10.87 23.23
C ILE E 20 -3.73 11.88 24.37
N LYS E 21 -3.68 13.17 24.05
CA LYS E 21 -3.71 14.20 25.08
C LYS E 21 -5.00 14.14 25.88
N GLN E 22 -6.14 13.96 25.21
CA GLN E 22 -7.42 13.93 25.90
C GLN E 22 -7.55 12.70 26.78
N GLU E 23 -6.98 11.57 26.35
CA GLU E 23 -7.01 10.36 27.19
C GLU E 23 -6.20 10.57 28.47
N LEU E 24 -5.05 11.25 28.37
CA LEU E 24 -4.23 11.51 29.54
C LEU E 24 -4.96 12.38 30.56
N ALA E 25 -5.78 13.32 30.09
CA ALA E 25 -6.56 14.14 31.01
C ALA E 25 -7.53 13.30 31.81
N ALA E 26 -8.15 12.30 31.17
CA ALA E 26 -9.04 11.40 31.89
C ALA E 26 -8.27 10.51 32.86
N ILE E 27 -7.08 10.06 32.45
CA ILE E 27 -6.24 9.26 33.32
C ILE E 27 -5.77 10.06 34.53
N LYS E 28 -5.41 11.33 34.30
CA LYS E 28 -4.91 12.15 35.41
C LYS E 28 -5.98 12.36 36.47
N GLN E 29 -7.24 12.51 36.06
CA GLN E 29 -8.32 12.71 37.02
C GLN E 29 -8.79 11.38 37.61
N NH2 E 30 -8.52 10.30 36.90
C ACE F 1 17.69 11.41 1.85
O ACE F 1 17.25 10.69 2.75
CH3 ACE F 1 18.58 10.83 0.75
N GLU F 2 17.49 12.72 1.82
CA GLU F 2 16.63 13.41 2.78
C GLU F 2 15.17 12.99 2.70
N LEU F 3 14.64 12.85 1.49
CA LEU F 3 13.25 12.42 1.32
C LEU F 3 13.06 10.99 1.81
N ALA F 4 14.03 10.11 1.55
CA ALA F 4 13.95 8.74 2.04
C ALA F 4 14.03 8.70 3.56
N ALA F 5 14.83 9.59 4.16
CA ALA F 5 14.93 9.63 5.61
C ALA F 5 13.64 10.13 6.25
N ILE F 6 12.95 11.06 5.59
CA ILE F 6 11.68 11.55 6.12
C ILE F 6 10.65 10.42 6.19
N LYS F 7 10.60 9.60 5.16
CA LYS F 7 9.67 8.48 5.17
CA LYS F 7 9.59 8.45 5.13
C LYS F 7 9.99 7.49 6.29
N GLU F 8 11.27 7.24 6.53
CA GLU F 8 11.71 6.41 7.64
C GLU F 8 11.33 7.00 9.00
N GLU F 9 11.47 8.32 9.14
CA GLU F 9 11.09 8.97 10.39
C GLU F 9 9.59 8.87 10.63
N LEU F 10 8.78 9.07 9.59
CA LEU F 10 7.33 8.99 9.75
C LEU F 10 6.88 7.58 10.10
N ALA F 11 7.50 6.55 9.51
CA ALA F 11 7.14 5.18 9.83
C ALA F 11 7.48 4.85 11.28
N ALA F 12 8.60 5.37 11.78
CA ALA F 12 8.95 5.14 13.18
C ALA F 12 8.01 5.90 14.11
N ILE F 13 7.61 7.11 13.73
CA ILE F 13 6.67 7.88 14.54
C ILE F 13 5.34 7.16 14.66
N LYS F 14 4.85 6.59 13.55
CA LYS F 14 3.58 5.85 13.57
C LYS F 14 3.69 4.62 14.47
C 7WJ F 15 5.14 3.21 16.80
CA 7WJ F 15 5.14 2.84 15.35
CB 7WJ F 15 6.41 2.12 14.92
CE 7WJ F 15 4.77 -0.64 14.12
O 7WJ F 15 4.64 2.47 17.64
N 7WJ F 15 4.86 3.99 14.45
OE 7WJ F 15 5.80 -1.30 14.28
CG 7WJ F 15 6.11 1.32 13.65
ND 7WJ F 15 4.83 0.64 13.81
CQ 7WJ F 15 3.45 -1.30 14.33
CR1 7WJ F 15 3.44 -2.60 14.81
CR2 7WJ F 15 2.25 -0.62 14.09
CS1 7WJ F 15 2.21 -3.22 15.02
CS2 7WJ F 15 1.05 -1.29 14.32
CT1 7WJ F 15 2.04 -4.60 15.52
CT3 7WJ F 15 -0.32 -0.74 14.11
CU2 7WJ F 15 3.14 -5.40 15.81
CU4 7WJ F 15 -0.52 0.56 13.66
CV1 7WJ F 15 0.56 -6.30 16.12
CV2 7WJ F 15 2.93 -6.68 16.27
CV3 7WJ F 15 -2.63 -1.11 14.24
CV4 7WJ F 15 -1.81 1.01 13.48
CW1 7WJ F 15 1.63 -7.14 16.43
CW2 7WJ F 15 -2.88 0.17 13.77
NT2 7WJ F 15 1.08 -2.55 14.78
NU1 7WJ F 15 0.78 -5.06 15.68
NU3 7WJ F 15 -1.37 -1.53 14.40
N GLU F 16 5.69 4.38 17.11
CA GLU F 16 5.71 4.88 18.49
C GLU F 16 4.29 5.19 18.94
N LEU F 17 3.51 5.81 18.05
CA LEU F 17 2.13 6.15 18.38
C LEU F 17 1.29 4.89 18.59
N ALA F 18 1.55 3.84 17.82
CA ALA F 18 0.83 2.59 18.00
C ALA F 18 1.13 1.97 19.36
N ALA F 19 2.39 2.02 19.80
CA ALA F 19 2.75 1.50 21.11
C ALA F 19 2.15 2.36 22.22
N ILE F 20 2.10 3.67 22.02
CA ILE F 20 1.49 4.55 23.02
C ILE F 20 0.01 4.23 23.19
N LYS F 21 -0.69 3.97 22.08
CA LYS F 21 -2.11 3.68 22.16
C LYS F 21 -2.38 2.33 22.82
N GLN F 22 -1.46 1.37 22.68
CA GLN F 22 -1.58 0.13 23.45
C GLN F 22 -1.40 0.37 24.94
N GLU F 23 -0.43 1.21 25.31
CA GLU F 23 -0.21 1.52 26.71
CA GLU F 23 -0.21 1.52 26.71
C GLU F 23 -1.39 2.29 27.29
N LEU F 24 -2.00 3.18 26.49
CA LEU F 24 -3.15 3.94 26.97
C LEU F 24 -4.38 3.05 27.09
N ALA F 25 -4.55 2.11 26.16
CA ALA F 25 -5.67 1.17 26.23
C ALA F 25 -5.55 0.28 27.46
N ALA F 26 -4.32 -0.14 27.79
CA ALA F 26 -4.12 -0.99 28.97
C ALA F 26 -4.41 -0.23 30.25
N ILE F 27 -4.04 1.04 30.32
CA ILE F 27 -4.36 1.84 31.51
C ILE F 27 -5.87 2.06 31.62
N LYS F 28 -6.51 2.43 30.50
CA LYS F 28 -7.94 2.67 30.49
C LYS F 28 -8.73 1.38 30.73
N GLN F 29 -8.50 0.40 29.86
CA GLN F 29 -9.39 -0.76 29.76
C GLN F 29 -10.72 -0.40 29.10
N NH2 F 30 -10.75 0.72 28.40
CU CU G . 1.49 -23.58 -10.56
CU CU H . -5.36 -16.68 -17.90
O1 HEZ I . 9.84 -3.21 -26.05
C1 HEZ I . 8.81 -2.22 -26.02
C2 HEZ I . 8.80 -1.45 -27.33
C3 HEZ I . 7.43 -0.87 -27.63
C4 HEZ I . 7.08 0.23 -26.64
C5 HEZ I . 5.69 0.77 -26.90
C6 HEZ I . 5.40 1.97 -26.01
O6 HEZ I . 5.83 1.67 -24.67
CU CU J . -0.62 -3.48 15.11
CU CU K . 6.89 9.37 -3.46
CU CU L . -4.55 11.92 0.11
CU CU M . -12.26 18.50 18.33
O1 HEZ N . -2.93 9.56 38.89
C1 HEZ N . -2.63 8.32 38.61
C2 HEZ N . -3.12 8.04 37.15
C3 HEZ N . -2.45 6.74 36.64
C4 HEZ N . -3.21 5.45 37.02
C5 HEZ N . -2.69 4.18 36.31
C6 HEZ N . -3.67 3.01 36.55
O6 HEZ N . -3.27 2.01 35.81
#